data_1VYT
#
_entry.id   1VYT
#
_cell.length_a   252.300
_cell.length_b   69.000
_cell.length_c   60.700
_cell.angle_alpha   90.00
_cell.angle_beta   96.70
_cell.angle_gamma   90.00
#
_symmetry.space_group_name_H-M   'C 1 2 1'
#
loop_
_entity.id
_entity.type
_entity.pdbx_description
1 polymer 'CALCIUM CHANNEL BETA-3 SUBUNIT'
2 polymer 'VOLTAGE-DEPENDENT L-TYPE CALCIUM CHANNEL ALPHA-1C SUBUNIT'
3 water water
#
loop_
_entity_poly.entity_id
_entity_poly.type
_entity_poly.pdbx_seq_one_letter_code
_entity_poly.pdbx_strand_id
1 'polypeptide(L)'
;GSADSYTSRPSLDSDVSLEEDRESARREVESQAQQQLERAKHKPVAFAVRTNVSYCGVLDEECPVQGSGVNFEAKDFLHI
KEKYSNDWWIGRLVKEGGDIAFIPSPQRLESIRLKQEQKARRSGNPSSLSDIGNRRSPPPSLAKQKQKQAEHVPPYDVVP
SMRPVVLVGPSLKGYEVTDMMQKALFDFLKHRFDGRISITRVTADLSLAKRSVLNNPGKRTIIERSSARSSIAEVQSEIE
RIFELAKSLQLVVLDADTINHPAQLAKTSLAPIIVFVKVSSPKVLQRLIRSRGKSQMKHLTVQMMAYDKLVQCPPESFDV
ILDENQLDDACEHLAEYLEVYWRATHHPAPG
;
A,B
2 'polypeptide(L)' QKLREKQQLEEDLKGYLDWITQAED E,F
#
# COMPACT_ATOMS: atom_id res chain seq x y z
N GLU A 23 14.99 31.63 13.63
CA GLU A 23 14.22 32.78 13.08
C GLU A 23 12.73 32.52 12.99
N SER A 24 12.00 33.60 12.71
CA SER A 24 10.59 33.62 12.52
C SER A 24 10.09 32.54 11.58
N ALA A 25 10.65 32.46 10.37
CA ALA A 25 10.19 31.48 9.43
C ALA A 25 10.55 30.11 10.00
N ARG A 26 11.45 30.05 11.00
CA ARG A 26 11.82 28.78 11.60
C ARG A 26 10.75 28.36 12.63
N ARG A 27 10.19 29.35 13.34
CA ARG A 27 9.18 29.08 14.34
C ARG A 27 7.85 28.67 13.71
N GLU A 28 7.66 29.00 12.44
CA GLU A 28 6.42 28.63 11.77
C GLU A 28 6.59 27.19 11.28
N VAL A 29 7.74 26.91 10.68
CA VAL A 29 8.03 25.57 10.20
C VAL A 29 7.90 24.57 11.34
N GLU A 30 8.64 24.82 12.42
CA GLU A 30 8.60 23.94 13.58
C GLU A 30 7.15 23.81 14.08
N SER A 31 6.45 24.93 14.16
CA SER A 31 5.06 24.92 14.63
C SER A 31 4.16 24.10 13.71
N GLN A 32 4.32 24.29 12.40
CA GLN A 32 3.53 23.56 11.43
C GLN A 32 3.96 22.11 11.38
N ALA A 33 5.27 21.88 11.48
CA ALA A 33 5.81 20.53 11.47
C ALA A 33 5.10 19.79 12.59
N GLN A 34 4.93 20.50 13.70
CA GLN A 34 4.31 19.94 14.88
C GLN A 34 2.83 19.77 14.70
N GLN A 35 2.25 20.54 13.78
CA GLN A 35 0.83 20.45 13.50
C GLN A 35 0.61 19.30 12.54
N GLN A 36 1.64 18.92 11.81
CA GLN A 36 1.52 17.80 10.89
C GLN A 36 1.70 16.53 11.73
N LEU A 37 2.55 16.65 12.75
CA LEU A 37 2.82 15.53 13.64
C LEU A 37 1.57 15.10 14.39
N GLU A 38 0.79 16.08 14.85
CA GLU A 38 -0.42 15.77 15.60
C GLU A 38 -1.59 15.37 14.70
N ARG A 39 -1.67 15.96 13.52
CA ARG A 39 -2.73 15.62 12.58
C ARG A 39 -2.56 14.19 12.10
N ALA A 40 -1.32 13.70 12.17
CA ALA A 40 -1.00 12.34 11.75
C ALA A 40 -1.21 11.35 12.86
N LYS A 41 -1.37 11.86 14.08
CA LYS A 41 -1.58 11.02 15.24
C LYS A 41 -2.67 9.98 15.01
N HIS A 42 -3.67 10.34 14.20
CA HIS A 42 -4.76 9.41 13.94
C HIS A 42 -4.94 9.03 12.48
N LYS A 43 -3.83 8.99 11.76
CA LYS A 43 -3.87 8.59 10.36
C LYS A 43 -3.53 7.11 10.31
N PRO A 44 -3.93 6.43 9.24
CA PRO A 44 -3.69 4.99 9.06
C PRO A 44 -2.23 4.58 8.94
N VAL A 45 -1.93 3.37 9.40
CA VAL A 45 -0.58 2.84 9.32
C VAL A 45 -0.28 2.48 7.87
N ALA A 46 0.57 3.27 7.24
CA ALA A 46 0.94 3.06 5.86
C ALA A 46 1.74 1.79 5.68
N PHE A 47 2.80 1.62 6.48
CA PHE A 47 3.64 0.43 6.37
C PHE A 47 4.47 0.28 7.62
N ALA A 48 5.18 -0.82 7.73
CA ALA A 48 5.98 -1.05 8.91
C ALA A 48 7.39 -1.46 8.56
N VAL A 49 8.30 -1.21 9.49
CA VAL A 49 9.69 -1.58 9.29
C VAL A 49 10.28 -2.18 10.55
N ARG A 50 11.24 -3.05 10.34
CA ARG A 50 11.97 -3.65 11.43
C ARG A 50 13.31 -2.98 11.22
N THR A 51 13.87 -2.40 12.27
CA THR A 51 15.14 -1.72 12.14
C THR A 51 16.30 -2.69 12.25
N ASN A 52 17.39 -2.37 11.55
CA ASN A 52 18.59 -3.18 11.60
C ASN A 52 19.72 -2.42 12.29
N VAL A 53 19.39 -1.24 12.81
CA VAL A 53 20.37 -0.42 13.51
C VAL A 53 19.69 0.37 14.63
N SER A 54 20.49 0.90 15.55
CA SER A 54 19.94 1.72 16.62
C SER A 54 20.03 3.18 16.19
N TYR A 55 19.27 4.03 16.86
CA TYR A 55 19.23 5.45 16.50
C TYR A 55 18.76 6.22 17.72
N CYS A 56 19.42 7.34 18.01
CA CYS A 56 19.08 8.16 19.15
C CYS A 56 18.64 9.54 18.69
N GLY A 57 17.37 9.64 18.28
CA GLY A 57 16.83 10.88 17.76
C GLY A 57 16.83 12.06 18.69
N VAL A 58 16.80 11.79 19.99
CA VAL A 58 16.81 12.86 20.98
C VAL A 58 18.09 13.67 20.80
N LEU A 59 19.07 13.09 20.12
CA LEU A 59 20.33 13.76 19.85
C LEU A 59 20.37 14.35 18.46
N ASP A 60 19.57 13.81 17.56
CA ASP A 60 19.54 14.30 16.18
C ASP A 60 19.09 15.76 16.17
N GLU A 61 20.02 16.66 15.92
CA GLU A 61 19.68 18.08 15.91
C GLU A 61 18.79 18.48 14.75
N GLU A 62 18.97 17.83 13.59
CA GLU A 62 18.20 18.14 12.39
C GLU A 62 16.72 17.74 12.41
N CYS A 63 16.29 17.07 13.48
CA CYS A 63 14.90 16.64 13.58
C CYS A 63 13.97 17.85 13.42
N PRO A 64 13.00 17.76 12.51
CA PRO A 64 12.03 18.83 12.24
C PRO A 64 11.49 19.53 13.50
N VAL A 65 11.41 18.78 14.58
CA VAL A 65 10.91 19.33 15.83
C VAL A 65 11.75 18.81 16.98
N GLN A 66 12.59 19.68 17.53
CA GLN A 66 13.45 19.33 18.64
C GLN A 66 12.65 18.54 19.67
N GLY A 67 13.17 17.37 20.06
CA GLY A 67 12.49 16.56 21.03
C GLY A 67 11.40 15.64 20.51
N SER A 68 11.24 15.55 19.19
CA SER A 68 10.21 14.67 18.65
C SER A 68 10.84 13.52 17.88
N GLY A 69 12.14 13.36 18.00
CA GLY A 69 12.82 12.29 17.31
C GLY A 69 12.62 10.96 18.00
N VAL A 70 12.30 9.94 17.23
CA VAL A 70 12.11 8.64 17.81
C VAL A 70 13.46 8.12 18.30
N ASN A 71 13.43 7.14 19.19
CA ASN A 71 14.63 6.49 19.71
C ASN A 71 14.39 5.00 19.65
N PHE A 72 15.30 4.25 19.06
CA PHE A 72 15.09 2.82 19.00
C PHE A 72 16.39 2.03 18.93
N GLU A 73 16.34 0.78 19.35
CA GLU A 73 17.49 -0.10 19.30
C GLU A 73 17.32 -0.91 18.02
N ALA A 74 18.28 -1.76 17.69
CA ALA A 74 18.14 -2.56 16.48
C ALA A 74 17.07 -3.63 16.71
N LYS A 75 16.44 -4.05 15.62
CA LYS A 75 15.41 -5.08 15.66
C LYS A 75 14.08 -4.63 16.25
N ASP A 76 13.88 -3.33 16.35
CA ASP A 76 12.64 -2.76 16.85
C ASP A 76 11.67 -2.61 15.68
N PHE A 77 10.40 -2.41 15.99
CA PHE A 77 9.38 -2.24 14.96
C PHE A 77 8.80 -0.82 14.97
N LEU A 78 8.54 -0.31 13.78
CA LEU A 78 8.01 1.03 13.62
C LEU A 78 6.84 1.05 12.65
N HIS A 79 5.80 1.80 12.99
CA HIS A 79 4.63 1.96 12.15
C HIS A 79 4.72 3.31 11.47
N ILE A 80 4.85 3.33 10.15
CA ILE A 80 4.96 4.61 9.51
C ILE A 80 3.59 5.15 9.11
N LYS A 81 3.26 6.34 9.60
CA LYS A 81 1.99 6.96 9.27
C LYS A 81 2.06 7.77 7.97
N GLU A 82 3.06 8.65 7.87
CA GLU A 82 3.22 9.46 6.66
C GLU A 82 4.62 10.00 6.44
N LYS A 83 4.84 10.64 5.30
CA LYS A 83 6.16 11.17 4.98
C LYS A 83 6.19 12.69 5.13
N TYR A 84 7.22 13.19 5.80
CA TYR A 84 7.37 14.62 5.99
C TYR A 84 8.24 15.20 4.90
N SER A 85 9.40 14.59 4.71
CA SER A 85 10.37 15.05 3.71
C SER A 85 11.25 13.87 3.33
N ASN A 86 12.22 14.09 2.45
CA ASN A 86 13.09 13.01 2.04
C ASN A 86 13.90 12.43 3.18
N ASP A 87 14.11 13.23 4.22
CA ASP A 87 14.88 12.78 5.36
C ASP A 87 14.01 12.27 6.50
N TRP A 88 12.76 12.71 6.56
CA TRP A 88 11.91 12.31 7.67
C TRP A 88 10.52 11.77 7.39
N TRP A 89 10.16 10.73 8.13
CA TRP A 89 8.87 10.10 8.05
C TRP A 89 8.22 10.42 9.39
N ILE A 90 6.93 10.11 9.51
CA ILE A 90 6.19 10.32 10.73
C ILE A 90 5.56 8.97 11.08
N GLY A 91 5.78 8.51 12.29
CA GLY A 91 5.24 7.23 12.71
C GLY A 91 5.46 7.03 14.19
N ARG A 92 5.63 5.79 14.60
CA ARG A 92 5.86 5.55 16.01
C ARG A 92 6.37 4.15 16.28
N LEU A 93 6.97 3.98 17.45
CA LEU A 93 7.49 2.68 17.87
C LEU A 93 6.31 1.79 18.18
N VAL A 94 6.40 0.52 17.80
CA VAL A 94 5.31 -0.40 18.06
C VAL A 94 5.45 -1.01 19.44
N LYS A 95 5.08 -0.22 20.44
CA LYS A 95 5.14 -0.63 21.84
C LYS A 95 4.12 0.25 22.54
N GLU A 96 3.49 -0.26 23.59
CA GLU A 96 2.49 0.54 24.30
C GLU A 96 3.10 1.89 24.68
N GLY A 97 2.28 2.93 24.67
CA GLY A 97 2.79 4.25 25.01
C GLY A 97 3.77 4.75 23.96
N GLY A 98 3.60 4.25 22.74
CA GLY A 98 4.45 4.67 21.64
C GLY A 98 3.89 5.92 20.99
N ASP A 99 4.39 7.08 21.42
CA ASP A 99 3.94 8.35 20.88
C ASP A 99 4.40 8.55 19.47
N ILE A 100 3.57 9.23 18.68
CA ILE A 100 3.89 9.51 17.29
C ILE A 100 5.11 10.43 17.31
N ALA A 101 5.99 10.24 16.34
CA ALA A 101 7.22 11.01 16.28
C ALA A 101 7.78 11.10 14.87
N PHE A 102 8.88 11.84 14.73
CA PHE A 102 9.55 11.98 13.45
C PHE A 102 10.55 10.85 13.43
N ILE A 103 10.64 10.18 12.29
CA ILE A 103 11.52 9.03 12.13
C ILE A 103 12.44 9.25 10.95
N PRO A 104 13.75 9.05 11.16
CA PRO A 104 14.72 9.24 10.08
C PRO A 104 14.50 8.19 9.00
N SER A 105 14.60 8.61 7.75
CA SER A 105 14.45 7.70 6.63
C SER A 105 15.78 7.01 6.38
N PRO A 106 15.82 6.01 5.48
CA PRO A 106 17.08 5.32 5.22
C PRO A 106 18.11 6.32 4.70
N GLN A 107 17.62 7.34 3.99
CA GLN A 107 18.50 8.38 3.46
C GLN A 107 19.25 9.00 4.64
N ARG A 108 18.54 9.75 5.47
CA ARG A 108 19.11 10.40 6.64
C ARG A 108 19.93 9.47 7.53
N LEU A 109 19.53 8.20 7.62
CA LEU A 109 20.30 7.27 8.43
C LEU A 109 21.63 7.02 7.75
N GLU A 110 21.64 7.02 6.43
CA GLU A 110 22.87 6.79 5.69
C GLU A 110 23.82 7.95 5.95
N SER A 111 23.27 9.16 5.99
CA SER A 111 24.09 10.34 6.26
C SER A 111 24.78 10.10 7.59
N ILE A 112 23.95 9.93 8.61
CA ILE A 112 24.43 9.69 9.97
C ILE A 112 25.42 8.54 10.04
N ARG A 113 25.21 7.51 9.25
CA ARG A 113 26.12 6.38 9.28
C ARG A 113 27.48 6.76 8.72
N LEU A 114 27.49 7.74 7.83
CA LEU A 114 28.74 8.18 7.23
C LEU A 114 29.42 9.29 8.01
N LYS A 115 28.64 10.14 8.68
CA LYS A 115 29.23 11.21 9.46
C LYS A 115 29.80 10.67 10.77
N GLN A 116 29.65 9.37 10.99
CA GLN A 116 30.19 8.71 12.18
C GLN A 116 31.27 7.78 11.67
N GLU A 117 31.39 7.71 10.35
CA GLU A 117 32.39 6.88 9.71
C GLU A 117 33.68 7.68 9.59
N GLN A 118 33.54 8.95 9.21
CA GLN A 118 34.68 9.86 9.05
C GLN A 118 35.40 10.05 10.38
N LYS A 119 34.65 9.96 11.47
CA LYS A 119 35.21 10.15 12.80
C LYS A 119 36.10 9.02 13.31
N ALA A 120 36.03 7.86 12.66
CA ALA A 120 36.90 6.75 13.04
C ALA A 120 38.25 7.12 12.43
N ARG A 121 38.78 8.25 12.89
CA ARG A 121 40.07 8.79 12.43
C ARG A 121 40.03 9.16 10.96
N HIS A 152 26.07 -4.04 1.41
CA HIS A 152 25.31 -3.07 2.20
C HIS A 152 24.01 -3.66 2.72
N VAL A 153 23.73 -3.44 4.00
CA VAL A 153 22.50 -3.90 4.62
C VAL A 153 21.73 -2.66 5.05
N PRO A 154 20.48 -2.54 4.58
CA PRO A 154 19.55 -1.43 4.84
C PRO A 154 19.22 -1.22 6.31
N PRO A 155 18.93 0.02 6.68
CA PRO A 155 18.58 0.32 8.08
C PRO A 155 17.23 -0.30 8.43
N TYR A 156 16.40 -0.44 7.42
CA TYR A 156 15.05 -0.96 7.57
C TYR A 156 14.67 -2.11 6.65
N ASP A 157 13.83 -3.00 7.14
CA ASP A 157 13.27 -4.08 6.33
C ASP A 157 11.79 -3.73 6.39
N VAL A 158 11.12 -3.68 5.26
CA VAL A 158 9.68 -3.40 5.30
C VAL A 158 9.00 -4.73 5.67
N VAL A 159 8.16 -4.70 6.71
CA VAL A 159 7.48 -5.90 7.16
C VAL A 159 5.98 -5.73 7.23
N PRO A 160 5.25 -6.83 7.45
CA PRO A 160 3.80 -6.73 7.55
C PRO A 160 3.45 -5.85 8.74
N SER A 161 2.40 -5.04 8.59
CA SER A 161 1.99 -4.15 9.66
C SER A 161 1.68 -4.87 10.97
N MET A 162 1.37 -6.16 10.87
CA MET A 162 1.12 -6.99 12.05
C MET A 162 2.02 -8.21 11.85
N ARG A 163 2.85 -8.52 12.84
CA ARG A 163 3.73 -9.65 12.69
C ARG A 163 2.95 -10.98 12.67
N PRO A 164 3.17 -11.80 11.63
CA PRO A 164 2.52 -13.10 11.47
C PRO A 164 2.80 -14.04 12.64
N VAL A 165 1.75 -14.56 13.28
CA VAL A 165 1.92 -15.49 14.38
C VAL A 165 2.14 -16.87 13.78
N VAL A 166 3.23 -17.53 14.18
CA VAL A 166 3.57 -18.84 13.68
C VAL A 166 3.92 -19.80 14.81
N LEU A 167 3.39 -21.02 14.76
CA LEU A 167 3.67 -21.99 15.80
C LEU A 167 4.71 -23.03 15.39
N VAL A 168 5.59 -23.36 16.31
CA VAL A 168 6.62 -24.39 16.10
C VAL A 168 6.63 -25.32 17.33
N GLY A 169 6.89 -26.60 17.09
CA GLY A 169 6.92 -27.56 18.19
C GLY A 169 5.55 -28.06 18.65
N PRO A 170 5.53 -28.95 19.65
CA PRO A 170 6.73 -29.45 20.34
C PRO A 170 7.62 -30.27 19.42
N SER A 171 7.10 -30.69 18.27
CA SER A 171 7.88 -31.52 17.39
C SER A 171 7.62 -31.22 15.93
N LEU A 172 7.75 -32.23 15.08
CA LEU A 172 7.53 -32.07 13.65
C LEU A 172 6.07 -31.95 13.25
N LYS A 173 5.79 -31.04 12.33
CA LYS A 173 4.43 -30.89 11.84
C LYS A 173 4.21 -32.07 10.87
N GLY A 174 2.97 -32.48 10.71
CA GLY A 174 2.73 -33.60 9.82
C GLY A 174 2.41 -34.82 10.66
N TYR A 175 2.80 -34.80 11.93
CA TYR A 175 2.52 -35.92 12.82
C TYR A 175 1.46 -35.51 13.85
N GLU A 176 0.67 -36.48 14.29
CA GLU A 176 -0.44 -36.22 15.20
C GLU A 176 -0.20 -35.42 16.48
N VAL A 177 0.87 -35.71 17.20
CA VAL A 177 1.11 -34.97 18.44
C VAL A 177 1.24 -33.47 18.21
N THR A 178 2.18 -33.06 17.37
CA THR A 178 2.38 -31.64 17.09
C THR A 178 1.20 -30.98 16.40
N ASP A 179 0.60 -31.70 15.44
CA ASP A 179 -0.54 -31.17 14.70
C ASP A 179 -1.75 -30.92 15.56
N MET A 180 -1.99 -31.82 16.50
CA MET A 180 -3.14 -31.68 17.37
C MET A 180 -2.94 -30.67 18.48
N MET A 181 -1.74 -30.66 19.05
CA MET A 181 -1.44 -29.72 20.09
C MET A 181 -1.50 -28.31 19.53
N GLN A 182 -1.16 -28.13 18.27
CA GLN A 182 -1.21 -26.80 17.69
C GLN A 182 -2.64 -26.50 17.23
N LYS A 183 -3.37 -27.52 16.83
CA LYS A 183 -4.74 -27.33 16.40
C LYS A 183 -5.58 -26.80 17.56
N ALA A 184 -5.29 -27.26 18.76
CA ALA A 184 -6.02 -26.83 19.93
C ALA A 184 -5.81 -25.33 20.17
N LEU A 185 -4.59 -24.86 19.93
CA LEU A 185 -4.29 -23.44 20.11
C LEU A 185 -4.96 -22.58 19.03
N PHE A 186 -4.96 -23.06 17.79
CA PHE A 186 -5.61 -22.31 16.71
C PHE A 186 -7.09 -22.17 17.01
N ASP A 187 -7.72 -23.22 17.52
CA ASP A 187 -9.14 -23.13 17.82
C ASP A 187 -9.38 -22.14 18.95
N PHE A 188 -8.51 -22.14 19.95
CA PHE A 188 -8.67 -21.22 21.06
C PHE A 188 -8.59 -19.80 20.52
N LEU A 189 -7.61 -19.52 19.68
CA LEU A 189 -7.44 -18.18 19.11
C LEU A 189 -8.60 -17.75 18.23
N LYS A 190 -9.17 -18.70 17.48
CA LYS A 190 -10.30 -18.45 16.61
C LYS A 190 -11.44 -17.94 17.47
N HIS A 191 -11.44 -18.39 18.72
CA HIS A 191 -12.48 -18.02 19.64
C HIS A 191 -12.16 -16.78 20.47
N ARG A 192 -11.00 -16.76 21.13
CA ARG A 192 -10.66 -15.62 21.96
C ARG A 192 -10.53 -14.28 21.26
N PHE A 193 -10.08 -14.28 20.01
CA PHE A 193 -9.90 -13.04 19.28
C PHE A 193 -10.86 -12.88 18.13
N ASP A 194 -11.92 -13.66 18.15
CA ASP A 194 -12.93 -13.59 17.10
C ASP A 194 -13.38 -12.14 16.93
N GLY A 195 -13.35 -11.66 15.69
CA GLY A 195 -13.74 -10.29 15.43
C GLY A 195 -12.56 -9.42 15.03
N ARG A 196 -11.36 -9.89 15.32
CA ARG A 196 -10.16 -9.14 14.97
C ARG A 196 -8.98 -10.08 14.70
N ILE A 197 -9.26 -11.25 14.14
CA ILE A 197 -8.18 -12.18 13.84
C ILE A 197 -8.42 -12.96 12.59
N SER A 198 -7.32 -13.31 11.94
CA SER A 198 -7.36 -14.11 10.74
C SER A 198 -6.39 -15.27 10.94
N ILE A 199 -6.88 -16.48 10.78
CA ILE A 199 -6.05 -17.67 10.93
C ILE A 199 -6.13 -18.38 9.60
N THR A 200 -5.01 -18.49 8.89
CA THR A 200 -5.01 -19.17 7.61
C THR A 200 -3.83 -20.08 7.43
N ARG A 201 -4.02 -21.06 6.57
CA ARG A 201 -3.01 -22.06 6.28
C ARG A 201 -2.13 -21.63 5.14
N VAL A 202 -0.87 -22.06 5.20
CA VAL A 202 0.11 -21.79 4.15
C VAL A 202 0.80 -23.11 3.85
N THR A 203 0.56 -23.66 2.68
CA THR A 203 1.19 -24.92 2.34
C THR A 203 2.51 -24.68 1.61
N ALA A 204 2.64 -23.49 1.01
CA ALA A 204 3.83 -23.07 0.29
C ALA A 204 5.00 -22.99 1.27
N ASP A 205 6.21 -23.29 0.82
CA ASP A 205 7.36 -23.24 1.70
C ASP A 205 7.83 -21.81 1.86
N LEU A 206 7.43 -21.17 2.95
CA LEU A 206 7.79 -19.80 3.22
C LEU A 206 9.29 -19.58 3.42
N SER A 207 10.00 -20.58 3.91
CA SER A 207 11.44 -20.42 4.15
C SER A 207 12.20 -20.07 2.88
N LEU A 208 11.52 -20.10 1.75
CA LEU A 208 12.14 -19.75 0.48
C LEU A 208 12.01 -18.26 0.22
N ALA A 209 11.20 -17.57 1.03
CA ALA A 209 10.98 -16.15 0.85
C ALA A 209 12.29 -15.36 0.90
N SER A 231 8.00 -24.10 -5.53
CA SER A 231 7.80 -23.15 -6.61
C SER A 231 7.94 -21.73 -6.06
N ILE A 232 8.75 -20.90 -6.73
CA ILE A 232 8.97 -19.56 -6.22
C ILE A 232 7.85 -18.56 -6.51
N ALA A 233 6.82 -18.96 -7.21
CA ALA A 233 5.82 -17.97 -7.56
C ALA A 233 4.70 -17.89 -6.57
N GLU A 234 4.43 -19.08 -6.04
CA GLU A 234 3.40 -19.34 -5.07
C GLU A 234 3.89 -18.76 -3.75
N VAL A 235 5.19 -18.85 -3.50
CA VAL A 235 5.78 -18.33 -2.28
C VAL A 235 5.61 -16.81 -2.29
N GLN A 236 5.99 -16.18 -3.40
CA GLN A 236 5.87 -14.73 -3.49
C GLN A 236 4.41 -14.33 -3.26
N SER A 237 3.51 -15.03 -3.94
CA SER A 237 2.08 -14.77 -3.84
C SER A 237 1.57 -14.90 -2.39
N GLU A 238 2.15 -15.83 -1.62
CA GLU A 238 1.76 -16.02 -0.24
C GLU A 238 2.34 -14.92 0.64
N ILE A 239 3.54 -14.45 0.30
CA ILE A 239 4.18 -13.37 1.05
C ILE A 239 3.26 -12.16 0.91
N GLU A 240 2.89 -11.84 -0.33
CA GLU A 240 2.00 -10.72 -0.61
C GLU A 240 0.65 -10.87 0.09
N ARG A 241 0.16 -12.10 0.16
CA ARG A 241 -1.13 -12.30 0.79
C ARG A 241 -1.03 -11.96 2.28
N ILE A 242 0.08 -12.33 2.90
CA ILE A 242 0.29 -12.06 4.32
C ILE A 242 0.35 -10.56 4.58
N PHE A 243 1.02 -9.84 3.68
CA PHE A 243 1.09 -8.39 3.82
C PHE A 243 -0.32 -7.80 3.74
N GLU A 244 -1.10 -8.27 2.77
CA GLU A 244 -2.46 -7.77 2.62
C GLU A 244 -3.30 -8.07 3.87
N LEU A 245 -3.20 -9.28 4.39
CA LEU A 245 -3.96 -9.63 5.58
C LEU A 245 -3.66 -8.71 6.77
N ALA A 246 -2.39 -8.35 6.95
CA ALA A 246 -1.96 -7.51 8.06
C ALA A 246 -2.25 -6.01 7.89
N LYS A 247 -2.56 -5.61 6.66
CA LYS A 247 -2.85 -4.21 6.35
C LYS A 247 -3.93 -3.57 7.23
N SER A 248 -4.96 -4.34 7.56
CA SER A 248 -6.07 -3.86 8.39
C SER A 248 -5.76 -3.84 9.88
N LEU A 249 -4.52 -4.21 10.21
CA LEU A 249 -4.07 -4.25 11.61
C LEU A 249 -4.75 -5.34 12.44
N GLN A 250 -5.41 -6.27 11.78
CA GLN A 250 -6.04 -7.38 12.47
C GLN A 250 -4.95 -8.41 12.78
N LEU A 251 -5.18 -9.25 13.77
CA LEU A 251 -4.20 -10.27 14.11
C LEU A 251 -4.08 -11.27 12.97
N VAL A 252 -2.86 -11.65 12.65
CA VAL A 252 -2.60 -12.61 11.59
C VAL A 252 -1.91 -13.82 12.15
N VAL A 253 -2.54 -14.98 12.04
CA VAL A 253 -1.95 -16.21 12.53
C VAL A 253 -1.82 -17.12 11.32
N LEU A 254 -0.64 -17.69 11.14
CA LEU A 254 -0.43 -18.56 10.00
C LEU A 254 -0.20 -19.99 10.43
N ASP A 255 -0.87 -20.92 9.76
CA ASP A 255 -0.66 -22.33 10.04
C ASP A 255 0.23 -22.76 8.86
N ALA A 256 1.52 -22.52 9.00
CA ALA A 256 2.49 -22.83 7.97
C ALA A 256 3.09 -24.22 8.16
N ASP A 257 2.70 -25.15 7.29
CA ASP A 257 3.14 -26.55 7.38
C ASP A 257 4.64 -26.84 7.33
N THR A 258 5.42 -26.00 6.63
CA THR A 258 6.85 -26.24 6.48
C THR A 258 7.77 -25.61 7.52
N ILE A 259 7.21 -24.77 8.38
CA ILE A 259 8.03 -24.14 9.40
C ILE A 259 8.04 -24.95 10.69
N ASN A 260 9.17 -25.57 10.98
CA ASN A 260 9.31 -26.36 12.20
C ASN A 260 10.42 -25.76 13.06
N HIS A 261 11.05 -24.70 12.59
CA HIS A 261 12.15 -24.14 13.37
C HIS A 261 12.26 -22.64 13.07
N PRO A 262 12.53 -21.83 14.11
CA PRO A 262 12.65 -20.37 13.96
C PRO A 262 13.57 -19.93 12.81
N ALA A 263 14.72 -20.58 12.70
CA ALA A 263 15.69 -20.24 11.66
C ALA A 263 15.14 -20.32 10.24
N GLN A 264 14.03 -21.01 10.04
CA GLN A 264 13.46 -21.14 8.71
C GLN A 264 12.76 -19.87 8.24
N LEU A 265 12.60 -18.90 9.14
CA LEU A 265 11.97 -17.65 8.73
C LEU A 265 12.85 -16.47 9.08
N ALA A 266 13.92 -16.75 9.81
CA ALA A 266 14.86 -15.74 10.27
C ALA A 266 15.39 -14.81 9.19
N LYS A 267 15.62 -15.34 8.00
CA LYS A 267 16.13 -14.50 6.93
C LYS A 267 15.06 -14.02 5.95
N THR A 268 13.79 -14.11 6.34
CA THR A 268 12.73 -13.63 5.49
C THR A 268 12.43 -12.24 6.04
N SER A 269 11.48 -11.57 5.40
CA SER A 269 11.12 -10.24 5.82
C SER A 269 9.76 -10.28 6.49
N LEU A 270 9.32 -11.47 6.88
CA LEU A 270 8.02 -11.62 7.51
C LEU A 270 8.01 -11.22 8.99
N ALA A 271 9.17 -11.26 9.63
CA ALA A 271 9.30 -10.90 11.03
C ALA A 271 8.13 -11.45 11.85
N PRO A 272 7.98 -12.79 11.87
CA PRO A 272 6.91 -13.44 12.60
C PRO A 272 7.04 -13.46 14.11
N ILE A 273 5.93 -13.74 14.75
CA ILE A 273 5.92 -13.87 16.18
C ILE A 273 5.95 -15.37 16.35
N ILE A 274 7.13 -15.89 16.71
CA ILE A 274 7.34 -17.32 16.88
C ILE A 274 6.84 -17.75 18.24
N VAL A 275 5.92 -18.70 18.25
CA VAL A 275 5.35 -19.23 19.48
C VAL A 275 5.76 -20.70 19.59
N PHE A 276 6.61 -20.96 20.56
CA PHE A 276 7.12 -22.29 20.82
C PHE A 276 6.23 -23.05 21.81
N VAL A 277 5.63 -24.15 21.34
CA VAL A 277 4.79 -24.99 22.18
C VAL A 277 5.81 -25.99 22.70
N LYS A 278 6.30 -25.74 23.90
CA LYS A 278 7.38 -26.54 24.47
C LYS A 278 6.99 -27.58 25.51
N VAL A 279 7.07 -28.84 25.12
CA VAL A 279 6.76 -29.93 26.03
C VAL A 279 7.92 -30.06 27.00
N SER A 280 7.58 -30.01 28.29
CA SER A 280 8.53 -30.11 29.39
C SER A 280 9.75 -31.02 29.23
N SER A 281 9.53 -32.31 29.07
CA SER A 281 10.63 -33.26 28.95
C SER A 281 10.48 -34.24 27.79
N PRO A 282 11.59 -34.83 27.33
CA PRO A 282 11.61 -35.78 26.22
C PRO A 282 10.83 -37.07 26.59
N LYS A 283 10.87 -37.44 27.85
CA LYS A 283 10.16 -38.63 28.32
C LYS A 283 8.66 -38.44 28.11
N VAL A 284 8.18 -37.25 28.44
CA VAL A 284 6.77 -36.91 28.29
C VAL A 284 6.38 -36.95 26.80
N LEU A 285 7.12 -36.24 25.96
CA LEU A 285 6.83 -36.20 24.52
C LEU A 285 6.83 -37.61 23.96
N GLN A 286 7.76 -38.42 24.41
CA GLN A 286 7.85 -39.79 23.96
C GLN A 286 6.56 -40.56 24.29
N ARG A 287 6.02 -40.32 25.49
CA ARG A 287 4.80 -41.01 25.88
C ARG A 287 3.56 -40.44 25.19
N LEU A 288 3.63 -39.17 24.80
CA LEU A 288 2.51 -38.57 24.07
C LEU A 288 2.48 -39.26 22.73
N ILE A 289 3.66 -39.50 22.15
CA ILE A 289 3.71 -40.17 20.88
C ILE A 289 3.19 -41.59 21.02
N ARG A 290 3.58 -42.29 22.07
CA ARG A 290 3.09 -43.64 22.25
C ARG A 290 1.55 -43.62 22.30
N SER A 291 0.97 -42.60 22.93
CA SER A 291 -0.47 -42.54 23.03
C SER A 291 -1.16 -42.49 21.67
N ARG A 292 -0.39 -42.18 20.63
CA ARG A 292 -0.96 -42.07 19.29
C ARG A 292 -1.07 -43.38 18.53
N GLY A 293 -0.32 -44.39 18.97
CA GLY A 293 -0.39 -45.67 18.30
C GLY A 293 0.88 -46.05 17.55
N LYS A 294 0.92 -47.30 17.09
CA LYS A 294 2.07 -47.83 16.38
C LYS A 294 2.47 -47.01 15.14
N SER A 295 1.49 -46.60 14.35
CA SER A 295 1.75 -45.83 13.14
C SER A 295 2.63 -44.60 13.39
N GLN A 296 2.32 -43.85 14.45
CA GLN A 296 3.08 -42.65 14.80
C GLN A 296 4.42 -43.01 15.43
N MET A 297 4.41 -44.08 16.21
CA MET A 297 5.59 -44.55 16.92
C MET A 297 6.73 -44.91 15.95
N LYS A 298 6.39 -45.28 14.72
CA LYS A 298 7.43 -45.61 13.76
C LYS A 298 8.31 -44.39 13.52
N HIS A 299 7.69 -43.25 13.32
CA HIS A 299 8.42 -42.02 13.06
C HIS A 299 8.86 -41.38 14.36
N LEU A 300 9.08 -42.20 15.36
CA LEU A 300 9.49 -41.70 16.66
C LEU A 300 10.81 -40.94 16.64
N THR A 301 11.79 -41.46 15.93
CA THR A 301 13.10 -40.84 15.89
C THR A 301 13.20 -39.45 15.26
N VAL A 302 12.45 -39.20 14.19
CA VAL A 302 12.50 -37.87 13.58
C VAL A 302 11.72 -36.83 14.37
N GLN A 303 10.78 -37.28 15.19
CA GLN A 303 9.99 -36.36 15.99
C GLN A 303 10.84 -35.97 17.20
N MET A 304 11.58 -36.93 17.74
CA MET A 304 12.42 -36.64 18.90
C MET A 304 13.58 -35.72 18.50
N MET A 305 14.12 -35.89 17.30
CA MET A 305 15.22 -35.05 16.86
C MET A 305 14.73 -33.62 16.65
N ALA A 306 13.58 -33.49 16.01
CA ALA A 306 12.99 -32.19 15.77
C ALA A 306 12.79 -31.50 17.14
N TYR A 307 12.42 -32.27 18.14
CA TYR A 307 12.20 -31.76 19.48
C TYR A 307 13.51 -31.29 20.09
N ASP A 308 14.56 -32.09 19.90
CA ASP A 308 15.87 -31.73 20.42
C ASP A 308 16.36 -30.44 19.80
N LYS A 309 16.20 -30.30 18.49
CA LYS A 309 16.65 -29.08 17.84
C LYS A 309 15.96 -27.85 18.42
N LEU A 310 14.63 -27.89 18.54
CA LEU A 310 13.90 -26.75 19.10
C LEU A 310 14.35 -26.44 20.51
N VAL A 311 14.50 -27.48 21.33
CA VAL A 311 14.93 -27.32 22.71
C VAL A 311 16.35 -26.80 22.86
N GLN A 312 17.21 -27.11 21.89
CA GLN A 312 18.59 -26.66 21.91
C GLN A 312 18.71 -25.22 21.40
N CYS A 313 17.58 -24.60 21.08
CA CYS A 313 17.57 -23.25 20.60
C CYS A 313 17.65 -22.28 21.75
N PRO A 314 18.18 -21.07 21.50
CA PRO A 314 18.30 -20.03 22.53
C PRO A 314 16.92 -19.43 22.82
N PRO A 315 16.73 -18.84 23.99
CA PRO A 315 15.41 -18.26 24.28
C PRO A 315 15.02 -17.16 23.29
N GLU A 316 15.96 -16.27 23.00
CA GLU A 316 15.72 -15.15 22.10
C GLU A 316 15.25 -15.61 20.72
N SER A 317 15.38 -16.90 20.48
CA SER A 317 14.99 -17.48 19.21
C SER A 317 13.47 -17.48 19.05
N PHE A 318 12.75 -17.43 20.18
CA PHE A 318 11.28 -17.41 20.16
C PHE A 318 10.73 -16.16 20.84
N ASP A 319 9.51 -15.79 20.49
CA ASP A 319 8.85 -14.61 21.06
C ASP A 319 8.01 -15.00 22.25
N VAL A 320 7.41 -16.18 22.18
CA VAL A 320 6.56 -16.70 23.25
C VAL A 320 6.91 -18.18 23.43
N ILE A 321 7.03 -18.63 24.67
CA ILE A 321 7.32 -20.03 24.94
C ILE A 321 6.25 -20.66 25.82
N LEU A 322 5.28 -21.34 25.20
CA LEU A 322 4.21 -22.00 25.94
C LEU A 322 4.81 -23.19 26.67
N ASP A 323 5.09 -22.92 27.93
CA ASP A 323 5.74 -23.81 28.87
C ASP A 323 4.81 -24.69 29.70
N GLU A 324 3.61 -24.21 29.96
CA GLU A 324 2.65 -24.91 30.81
C GLU A 324 2.03 -26.20 30.26
N ASN A 325 1.80 -27.17 31.14
CA ASN A 325 1.25 -28.45 30.74
C ASN A 325 -0.27 -28.53 30.67
N GLN A 326 -0.93 -27.42 30.97
CA GLN A 326 -2.38 -27.37 30.89
C GLN A 326 -2.68 -26.51 29.67
N LEU A 327 -3.60 -26.97 28.82
CA LEU A 327 -3.97 -26.20 27.64
C LEU A 327 -4.49 -24.79 27.98
N ASP A 328 -5.46 -24.68 28.88
CA ASP A 328 -5.99 -23.35 29.18
C ASP A 328 -4.95 -22.37 29.74
N ASP A 329 -3.94 -22.88 30.45
CA ASP A 329 -2.91 -21.98 30.95
C ASP A 329 -2.05 -21.53 29.78
N ALA A 330 -1.74 -22.48 28.90
CA ALA A 330 -0.93 -22.14 27.72
C ALA A 330 -1.70 -21.13 26.88
N CYS A 331 -3.02 -21.28 26.84
CA CYS A 331 -3.87 -20.39 26.06
C CYS A 331 -3.91 -18.97 26.67
N GLU A 332 -4.02 -18.88 27.98
CA GLU A 332 -4.04 -17.57 28.65
C GLU A 332 -2.70 -16.86 28.46
N HIS A 333 -1.62 -17.64 28.48
CA HIS A 333 -0.30 -17.09 28.31
C HIS A 333 -0.25 -16.44 26.93
N LEU A 334 -0.58 -17.21 25.91
CA LEU A 334 -0.57 -16.71 24.55
C LEU A 334 -1.49 -15.53 24.37
N ALA A 335 -2.67 -15.60 24.97
CA ALA A 335 -3.64 -14.50 24.87
C ALA A 335 -3.15 -13.19 25.53
N GLU A 336 -2.53 -13.30 26.71
CA GLU A 336 -2.03 -12.11 27.39
C GLU A 336 -1.03 -11.42 26.48
N TYR A 337 -0.17 -12.23 25.87
CA TYR A 337 0.85 -11.71 25.00
C TYR A 337 0.23 -11.01 23.78
N LEU A 338 -0.71 -11.67 23.11
CA LEU A 338 -1.31 -11.09 21.92
C LEU A 338 -2.16 -9.87 22.26
N GLU A 339 -2.59 -9.79 23.51
CA GLU A 339 -3.39 -8.64 23.92
C GLU A 339 -2.47 -7.43 24.12
N VAL A 340 -1.26 -7.68 24.60
CA VAL A 340 -0.32 -6.59 24.77
C VAL A 340 0.09 -6.14 23.36
N TYR A 341 0.26 -7.11 22.47
CA TYR A 341 0.63 -6.78 21.09
C TYR A 341 -0.46 -5.93 20.43
N TRP A 342 -1.70 -6.30 20.65
CA TRP A 342 -2.79 -5.55 20.06
C TRP A 342 -2.80 -4.08 20.52
N ARG A 343 -2.58 -3.87 21.80
CA ARG A 343 -2.56 -2.51 22.33
C ARG A 343 -1.37 -1.78 21.70
N ALA A 344 -0.26 -2.49 21.58
CA ALA A 344 0.96 -1.90 21.02
C ALA A 344 0.83 -1.49 19.57
N THR A 345 -0.03 -2.16 18.83
CA THR A 345 -0.22 -1.88 17.41
C THR A 345 -1.48 -1.08 17.15
N HIS A 346 -2.16 -0.70 18.22
CA HIS A 346 -3.39 0.08 18.14
C HIS A 346 -3.35 1.17 19.21
N HIS A 347 -3.52 0.85 20.41
N GLU B 23 -39.07 -10.96 6.44
CA GLU B 23 -39.47 -9.61 5.95
C GLU B 23 -39.63 -8.63 7.11
N SER B 24 -39.46 -9.13 8.34
CA SER B 24 -39.59 -8.30 9.52
C SER B 24 -38.37 -7.39 9.69
N ALA B 25 -37.18 -7.98 9.58
CA ALA B 25 -35.94 -7.22 9.73
C ALA B 25 -35.35 -6.92 8.36
N ARG B 26 -35.84 -7.63 7.34
CA ARG B 26 -35.37 -7.45 5.97
C ARG B 26 -35.51 -5.99 5.53
N ARG B 27 -36.70 -5.43 5.73
CA ARG B 27 -36.93 -4.05 5.35
C ARG B 27 -36.29 -3.12 6.38
N GLU B 28 -35.58 -3.72 7.33
CA GLU B 28 -34.89 -2.95 8.36
C GLU B 28 -33.41 -2.91 8.04
N VAL B 29 -32.88 -4.02 7.50
CA VAL B 29 -31.48 -4.06 7.13
C VAL B 29 -31.34 -3.17 5.90
N GLU B 30 -32.40 -3.11 5.10
CA GLU B 30 -32.38 -2.26 3.92
C GLU B 30 -32.54 -0.82 4.40
N SER B 31 -33.37 -0.64 5.41
CA SER B 31 -33.60 0.68 5.98
C SER B 31 -32.30 1.18 6.59
N GLN B 32 -31.59 0.29 7.27
CA GLN B 32 -30.31 0.61 7.90
C GLN B 32 -29.23 0.83 6.84
N ALA B 33 -29.31 0.08 5.75
CA ALA B 33 -28.35 0.20 4.66
C ALA B 33 -28.50 1.53 3.95
N GLN B 34 -29.71 2.08 3.97
CA GLN B 34 -29.98 3.36 3.32
C GLN B 34 -29.43 4.42 4.24
N GLN B 35 -29.58 4.17 5.54
CA GLN B 35 -29.09 5.09 6.56
C GLN B 35 -27.59 5.30 6.33
N GLN B 36 -26.91 4.28 5.83
CA GLN B 36 -25.47 4.32 5.59
C GLN B 36 -25.13 5.07 4.30
N LEU B 37 -25.91 4.82 3.26
CA LEU B 37 -25.70 5.48 1.99
C LEU B 37 -25.80 6.98 2.27
N GLU B 38 -26.81 7.34 3.05
CA GLU B 38 -27.07 8.74 3.41
C GLU B 38 -25.90 9.36 4.17
N ARG B 39 -25.35 8.61 5.13
CA ARG B 39 -24.27 9.13 5.93
C ARG B 39 -22.90 9.06 5.30
N ALA B 40 -22.79 8.35 4.18
CA ALA B 40 -21.52 8.24 3.49
C ALA B 40 -21.41 9.45 2.55
N LYS B 41 -22.55 10.08 2.31
CA LYS B 41 -22.63 11.27 1.46
C LYS B 41 -21.81 12.44 1.99
N HIS B 42 -21.38 12.36 3.24
CA HIS B 42 -20.63 13.46 3.84
C HIS B 42 -19.25 13.04 4.33
N LYS B 43 -18.80 11.87 3.88
CA LYS B 43 -17.50 11.37 4.31
C LYS B 43 -16.40 11.58 3.27
N PRO B 44 -15.13 11.59 3.72
CA PRO B 44 -13.96 11.76 2.87
C PRO B 44 -13.88 10.61 1.87
N VAL B 45 -13.22 10.86 0.74
CA VAL B 45 -13.03 9.83 -0.26
C VAL B 45 -11.80 9.04 0.17
N ALA B 46 -12.01 7.85 0.71
CA ALA B 46 -10.90 7.01 1.16
C ALA B 46 -9.84 6.83 0.09
N PHE B 47 -10.26 6.44 -1.09
CA PHE B 47 -9.35 6.24 -2.20
C PHE B 47 -10.14 6.09 -3.49
N ALA B 48 -9.46 6.26 -4.63
CA ALA B 48 -10.12 6.14 -5.91
C ALA B 48 -9.58 4.96 -6.71
N VAL B 49 -10.42 4.40 -7.57
CA VAL B 49 -10.01 3.29 -8.41
C VAL B 49 -10.51 3.49 -9.82
N ARG B 50 -9.83 2.88 -10.78
CA ARG B 50 -10.24 2.95 -12.18
C ARG B 50 -10.61 1.52 -12.47
N THR B 51 -11.74 1.33 -13.11
CA THR B 51 -12.22 -0.02 -13.41
C THR B 51 -11.56 -0.70 -14.59
N ASN B 52 -11.52 -2.02 -14.54
CA ASN B 52 -10.96 -2.83 -15.61
C ASN B 52 -12.06 -3.72 -16.19
N VAL B 53 -13.27 -3.55 -15.68
CA VAL B 53 -14.41 -4.33 -16.16
C VAL B 53 -15.68 -3.48 -16.05
N SER B 54 -16.79 -4.06 -16.47
CA SER B 54 -18.05 -3.35 -16.39
C SER B 54 -18.97 -4.05 -15.40
N TYR B 55 -19.91 -3.30 -14.85
CA TYR B 55 -20.82 -3.87 -13.88
C TYR B 55 -22.14 -3.13 -13.97
N CYS B 56 -23.23 -3.87 -13.95
CA CYS B 56 -24.54 -3.26 -14.03
C CYS B 56 -25.30 -3.45 -12.72
N GLY B 57 -25.12 -2.52 -11.81
CA GLY B 57 -25.75 -2.59 -10.51
C GLY B 57 -27.26 -2.73 -10.52
N VAL B 58 -27.92 -1.98 -11.41
CA VAL B 58 -29.37 -2.05 -11.48
C VAL B 58 -29.89 -3.49 -11.60
N LEU B 59 -29.08 -4.37 -12.16
CA LEU B 59 -29.49 -5.76 -12.32
C LEU B 59 -28.98 -6.67 -11.21
N ASP B 60 -28.18 -6.13 -10.29
CA ASP B 60 -27.68 -6.98 -9.22
C ASP B 60 -28.70 -7.08 -8.09
N GLU B 61 -29.36 -8.24 -8.01
CA GLU B 61 -30.39 -8.48 -7.02
C GLU B 61 -29.88 -8.62 -5.58
N GLU B 62 -28.61 -8.95 -5.42
CA GLU B 62 -28.04 -9.12 -4.09
C GLU B 62 -27.52 -7.84 -3.46
N CYS B 63 -27.77 -6.72 -4.13
CA CYS B 63 -27.34 -5.42 -3.62
C CYS B 63 -28.08 -5.12 -2.31
N PRO B 64 -27.38 -4.54 -1.32
CA PRO B 64 -27.96 -4.19 -0.02
C PRO B 64 -29.28 -3.44 -0.13
N VAL B 65 -29.33 -2.44 -0.98
CA VAL B 65 -30.53 -1.64 -1.20
C VAL B 65 -30.86 -1.65 -2.68
N GLN B 66 -31.94 -2.34 -3.04
CA GLN B 66 -32.34 -2.44 -4.44
C GLN B 66 -32.40 -1.08 -5.11
N GLY B 67 -31.84 -1.02 -6.32
CA GLY B 67 -31.83 0.21 -7.08
C GLY B 67 -30.76 1.20 -6.69
N SER B 68 -29.85 0.78 -5.82
CA SER B 68 -28.77 1.66 -5.38
C SER B 68 -27.40 1.08 -5.73
N GLY B 69 -27.41 0.05 -6.57
CA GLY B 69 -26.16 -0.56 -7.01
C GLY B 69 -25.56 0.31 -8.10
N VAL B 70 -24.23 0.49 -8.05
CA VAL B 70 -23.55 1.34 -9.02
C VAL B 70 -23.50 0.70 -10.42
N ASN B 71 -23.42 1.55 -11.44
CA ASN B 71 -23.33 1.12 -12.83
C ASN B 71 -22.10 1.77 -13.47
N PHE B 72 -21.25 0.97 -14.10
CA PHE B 72 -20.07 1.50 -14.74
C PHE B 72 -19.50 0.63 -15.84
N GLU B 73 -18.85 1.29 -16.80
CA GLU B 73 -18.23 0.60 -17.92
C GLU B 73 -16.76 0.47 -17.50
N ALA B 74 -15.98 -0.26 -18.26
CA ALA B 74 -14.57 -0.46 -17.97
C ALA B 74 -13.78 0.83 -18.17
N LYS B 75 -12.84 1.07 -17.26
CA LYS B 75 -11.98 2.25 -17.27
C LYS B 75 -12.75 3.52 -16.89
N ASP B 76 -13.67 3.34 -15.93
CA ASP B 76 -14.51 4.39 -15.34
C ASP B 76 -13.91 4.68 -13.95
N PHE B 77 -14.16 5.85 -13.39
CA PHE B 77 -13.58 6.14 -12.10
C PHE B 77 -14.59 6.13 -10.96
N LEU B 78 -14.21 5.51 -9.84
CA LEU B 78 -15.07 5.43 -8.67
C LEU B 78 -14.35 6.01 -7.46
N HIS B 79 -15.12 6.65 -6.58
CA HIS B 79 -14.54 7.20 -5.35
C HIS B 79 -15.13 6.37 -4.22
N ILE B 80 -14.26 5.70 -3.48
CA ILE B 80 -14.71 4.85 -2.37
C ILE B 80 -14.69 5.65 -1.06
N LYS B 81 -15.83 5.65 -0.35
CA LYS B 81 -15.97 6.37 0.92
C LYS B 81 -15.78 5.42 2.09
N GLU B 82 -16.37 4.24 2.02
CA GLU B 82 -16.21 3.28 3.11
C GLU B 82 -16.65 1.85 2.78
N LYS B 83 -16.42 0.95 3.72
CA LYS B 83 -16.75 -0.45 3.56
C LYS B 83 -18.01 -0.86 4.30
N TYR B 84 -18.98 -1.36 3.55
CA TYR B 84 -20.23 -1.80 4.14
C TYR B 84 -20.06 -3.24 4.63
N SER B 85 -19.40 -4.07 3.83
CA SER B 85 -19.13 -5.46 4.16
C SER B 85 -18.14 -6.03 3.16
N ASN B 86 -17.76 -7.28 3.34
CA ASN B 86 -16.81 -7.91 2.43
C ASN B 86 -17.28 -8.00 0.98
N ASP B 87 -18.58 -7.89 0.78
CA ASP B 87 -19.12 -7.94 -0.57
C ASP B 87 -19.44 -6.55 -1.08
N TRP B 88 -19.52 -5.56 -0.19
CA TRP B 88 -19.87 -4.22 -0.60
C TRP B 88 -19.13 -3.02 -0.04
N TRP B 89 -18.88 -2.05 -0.93
CA TRP B 89 -18.22 -0.80 -0.61
C TRP B 89 -19.27 0.27 -0.88
N ILE B 90 -19.02 1.49 -0.42
CA ILE B 90 -19.94 2.59 -0.64
C ILE B 90 -19.17 3.79 -1.19
N GLY B 91 -19.62 4.30 -2.32
CA GLY B 91 -18.95 5.44 -2.92
C GLY B 91 -19.76 5.93 -4.09
N ARG B 92 -19.09 6.27 -5.19
CA ARG B 92 -19.83 6.74 -6.35
C ARG B 92 -19.00 6.84 -7.62
N LEU B 93 -19.69 6.77 -8.75
CA LEU B 93 -19.08 6.87 -10.06
C LEU B 93 -18.68 8.34 -10.15
N VAL B 94 -17.46 8.62 -10.59
CA VAL B 94 -17.00 10.01 -10.69
C VAL B 94 -17.46 10.69 -11.97
N LYS B 95 -18.73 11.10 -11.97
CA LYS B 95 -19.35 11.78 -13.10
C LYS B 95 -20.38 12.76 -12.52
N GLU B 96 -20.71 13.81 -13.26
CA GLU B 96 -21.67 14.80 -12.81
C GLU B 96 -22.98 14.16 -12.36
N GLY B 97 -23.46 14.56 -11.19
CA GLY B 97 -24.69 14.00 -10.67
C GLY B 97 -24.57 12.53 -10.33
N GLY B 98 -23.36 12.09 -10.00
CA GLY B 98 -23.13 10.70 -9.63
C GLY B 98 -23.32 10.56 -8.13
N ASP B 99 -24.47 10.01 -7.73
CA ASP B 99 -24.81 9.86 -6.32
C ASP B 99 -24.13 8.72 -5.59
N ILE B 100 -24.23 8.75 -4.26
CA ILE B 100 -23.66 7.71 -3.43
C ILE B 100 -24.38 6.42 -3.73
N ALA B 101 -23.66 5.30 -3.71
CA ALA B 101 -24.26 4.01 -3.99
C ALA B 101 -23.38 2.87 -3.54
N PHE B 102 -23.87 1.65 -3.68
CA PHE B 102 -23.10 0.48 -3.29
C PHE B 102 -22.22 0.01 -4.43
N ILE B 103 -20.97 -0.29 -4.11
CA ILE B 103 -20.00 -0.74 -5.10
C ILE B 103 -19.51 -2.15 -4.81
N PRO B 104 -19.76 -3.08 -5.73
CA PRO B 104 -19.31 -4.44 -5.50
C PRO B 104 -17.81 -4.48 -5.29
N SER B 105 -17.37 -5.17 -4.25
CA SER B 105 -15.96 -5.27 -3.95
C SER B 105 -15.38 -6.32 -4.88
N PRO B 106 -14.05 -6.33 -5.03
CA PRO B 106 -13.40 -7.31 -5.89
C PRO B 106 -13.94 -8.72 -5.65
N GLN B 107 -14.16 -9.04 -4.38
CA GLN B 107 -14.67 -10.36 -4.04
C GLN B 107 -16.01 -10.54 -4.75
N ARG B 108 -16.88 -9.57 -4.57
CA ARG B 108 -18.20 -9.60 -5.18
C ARG B 108 -18.08 -9.85 -6.67
N LEU B 109 -17.32 -9.00 -7.35
CA LEU B 109 -17.14 -9.13 -8.80
C LEU B 109 -16.53 -10.47 -9.17
N GLU B 110 -15.83 -11.09 -8.23
CA GLU B 110 -15.19 -12.37 -8.51
C GLU B 110 -16.27 -13.43 -8.71
N SER B 111 -17.19 -13.54 -7.75
CA SER B 111 -18.27 -14.52 -7.85
C SER B 111 -19.19 -14.17 -9.02
N ILE B 112 -19.34 -12.88 -9.28
CA ILE B 112 -20.16 -12.43 -10.40
C ILE B 112 -19.56 -13.08 -11.64
N ARG B 113 -18.35 -12.65 -12.00
CA ARG B 113 -17.66 -13.16 -13.18
C ARG B 113 -17.60 -14.68 -13.17
N LEU B 114 -17.68 -15.29 -11.98
CA LEU B 114 -17.61 -16.74 -11.90
C LEU B 114 -18.90 -17.40 -12.37
N LYS B 115 -20.05 -16.84 -11.96
CA LYS B 115 -21.33 -17.39 -12.35
C LYS B 115 -21.55 -17.24 -13.85
N GLN B 116 -20.45 -17.17 -14.58
CA GLN B 116 -20.47 -17.06 -16.03
C GLN B 116 -19.18 -17.67 -16.57
N GLU B 117 -18.74 -18.71 -15.87
CA GLU B 117 -17.55 -19.49 -16.24
C GLU B 117 -18.14 -20.88 -16.04
N GLN B 118 -19.43 -20.87 -15.69
CA GLN B 118 -20.26 -22.04 -15.50
C GLN B 118 -21.31 -21.84 -16.60
N LYS B 119 -21.91 -20.65 -16.57
CA LYS B 119 -22.92 -20.27 -17.56
C LYS B 119 -22.23 -20.11 -18.90
N ALA B 120 -21.07 -20.76 -19.00
CA ALA B 120 -20.25 -20.74 -20.21
C ALA B 120 -20.00 -22.17 -20.68
N HIS B 152 -7.36 -13.25 -13.25
CA HIS B 152 -5.92 -13.00 -13.11
C HIS B 152 -5.65 -11.49 -13.20
N VAL B 153 -6.70 -10.74 -13.55
CA VAL B 153 -6.60 -9.28 -13.71
C VAL B 153 -7.53 -8.58 -12.71
N PRO B 154 -6.96 -7.82 -11.77
CA PRO B 154 -7.73 -7.11 -10.76
C PRO B 154 -8.78 -6.17 -11.35
N PRO B 155 -10.04 -6.27 -10.90
CA PRO B 155 -11.14 -5.43 -11.37
C PRO B 155 -10.91 -3.95 -11.18
N TYR B 156 -10.18 -3.60 -10.12
CA TYR B 156 -9.88 -2.20 -9.79
C TYR B 156 -8.41 -1.89 -9.68
N ASP B 157 -8.04 -0.67 -10.08
CA ASP B 157 -6.68 -0.20 -9.98
C ASP B 157 -6.73 1.10 -9.20
N VAL B 158 -5.95 1.18 -8.14
CA VAL B 158 -5.95 2.38 -7.32
C VAL B 158 -5.39 3.53 -8.16
N VAL B 159 -6.02 4.69 -8.07
CA VAL B 159 -5.57 5.85 -8.80
C VAL B 159 -5.82 7.08 -7.95
N PRO B 160 -5.18 8.21 -8.30
CA PRO B 160 -5.36 9.44 -7.52
C PRO B 160 -6.84 9.83 -7.49
N SER B 161 -7.22 10.58 -6.46
CA SER B 161 -8.60 11.02 -6.32
C SER B 161 -8.94 11.94 -7.48
N MET B 162 -8.01 12.84 -7.80
CA MET B 162 -8.20 13.75 -8.92
C MET B 162 -7.23 13.35 -10.03
N ARG B 163 -7.74 13.05 -11.23
CA ARG B 163 -6.85 12.68 -12.33
C ARG B 163 -5.92 13.85 -12.61
N PRO B 164 -4.59 13.59 -12.64
CA PRO B 164 -3.62 14.65 -12.90
C PRO B 164 -3.79 15.22 -14.30
N VAL B 165 -3.61 16.54 -14.41
CA VAL B 165 -3.71 17.23 -15.69
C VAL B 165 -2.34 17.32 -16.35
N VAL B 166 -2.20 16.70 -17.51
CA VAL B 166 -0.94 16.72 -18.23
C VAL B 166 -1.13 17.18 -19.68
N LEU B 167 -0.30 18.14 -20.09
CA LEU B 167 -0.32 18.69 -21.44
C LEU B 167 0.80 18.11 -22.29
N VAL B 168 0.44 17.63 -23.47
CA VAL B 168 1.42 17.12 -24.39
C VAL B 168 1.44 18.19 -25.49
N GLY B 169 2.32 19.18 -25.28
CA GLY B 169 2.46 20.30 -26.19
C GLY B 169 2.36 19.96 -27.65
N PRO B 170 2.49 20.95 -28.55
CA PRO B 170 2.41 20.71 -29.98
C PRO B 170 3.63 19.92 -30.44
N SER B 171 4.77 20.20 -29.82
CA SER B 171 6.01 19.55 -30.18
C SER B 171 6.70 18.93 -28.95
N LEU B 172 8.03 19.02 -28.93
CA LEU B 172 8.83 18.46 -27.84
C LEU B 172 9.04 19.49 -26.74
N LYS B 173 9.04 19.03 -25.49
CA LYS B 173 9.24 19.92 -24.34
C LYS B 173 10.73 20.14 -24.12
N GLY B 174 11.05 21.34 -23.67
CA GLY B 174 12.44 21.70 -23.44
C GLY B 174 12.86 22.72 -24.50
N TYR B 175 12.00 22.91 -25.49
CA TYR B 175 12.27 23.86 -26.56
C TYR B 175 11.19 24.94 -26.65
N GLU B 176 11.66 26.17 -26.75
CA GLU B 176 10.84 27.38 -26.80
C GLU B 176 9.41 27.34 -27.37
N VAL B 177 9.16 26.68 -28.49
CA VAL B 177 7.80 26.65 -29.03
C VAL B 177 6.81 25.98 -28.08
N THR B 178 6.98 24.67 -27.89
CA THR B 178 6.09 23.90 -27.03
C THR B 178 6.04 24.45 -25.61
N ASP B 179 7.19 24.76 -25.04
CA ASP B 179 7.24 25.28 -23.68
C ASP B 179 6.37 26.53 -23.51
N MET B 180 6.63 27.56 -24.30
CA MET B 180 5.87 28.80 -24.21
C MET B 180 4.39 28.61 -24.53
N MET B 181 4.09 27.97 -25.65
CA MET B 181 2.71 27.71 -26.03
C MET B 181 1.97 27.05 -24.86
N GLN B 182 2.72 26.26 -24.08
CA GLN B 182 2.16 25.55 -22.92
C GLN B 182 2.11 26.45 -21.70
N LYS B 183 3.20 27.16 -21.42
CA LYS B 183 3.22 28.06 -20.27
C LYS B 183 1.98 28.94 -20.27
N ALA B 184 1.53 29.30 -21.47
CA ALA B 184 0.35 30.15 -21.62
C ALA B 184 -0.85 29.51 -20.93
N LEU B 185 -1.13 28.26 -21.28
CA LEU B 185 -2.25 27.52 -20.69
C LEU B 185 -2.12 27.38 -19.18
N PHE B 186 -0.90 27.22 -18.69
CA PHE B 186 -0.69 27.08 -17.26
C PHE B 186 -1.11 28.35 -16.54
N ASP B 187 -0.75 29.50 -17.11
CA ASP B 187 -1.09 30.79 -16.52
C ASP B 187 -2.58 31.06 -16.55
N PHE B 188 -3.22 30.70 -17.66
CA PHE B 188 -4.66 30.90 -17.76
C PHE B 188 -5.38 30.07 -16.71
N LEU B 189 -4.77 28.97 -16.29
CA LEU B 189 -5.33 28.10 -15.28
C LEU B 189 -4.94 28.58 -13.88
N LYS B 190 -3.75 29.14 -13.75
CA LYS B 190 -3.29 29.61 -12.44
C LYS B 190 -4.23 30.58 -11.74
N HIS B 191 -5.09 31.26 -12.50
CA HIS B 191 -6.06 32.14 -11.87
C HIS B 191 -7.51 31.78 -12.21
N ARG B 192 -7.76 31.31 -13.43
CA ARG B 192 -9.12 30.91 -13.80
C ARG B 192 -9.68 29.90 -12.80
N PHE B 193 -8.79 29.16 -12.14
CA PHE B 193 -9.18 28.16 -11.14
C PHE B 193 -8.45 28.43 -9.84
N ASP B 194 -8.11 29.69 -9.61
CA ASP B 194 -7.42 30.07 -8.39
C ASP B 194 -8.23 29.60 -7.19
N GLY B 195 -7.54 29.24 -6.11
CA GLY B 195 -8.21 28.78 -4.91
C GLY B 195 -8.46 27.28 -4.94
N ARG B 196 -8.85 26.78 -6.11
CA ARG B 196 -9.13 25.37 -6.28
C ARG B 196 -8.27 24.70 -7.36
N ILE B 197 -6.97 24.97 -7.33
CA ILE B 197 -6.05 24.39 -8.29
C ILE B 197 -4.62 24.36 -7.80
N SER B 198 -3.91 23.29 -8.14
CA SER B 198 -2.51 23.14 -7.75
C SER B 198 -1.69 22.66 -8.93
N ILE B 199 -0.85 23.57 -9.45
CA ILE B 199 0.03 23.28 -10.57
C ILE B 199 1.43 23.11 -10.04
N THR B 200 1.99 21.91 -10.20
CA THR B 200 3.34 21.65 -9.72
C THR B 200 4.23 21.17 -10.86
N ARG B 201 5.53 21.33 -10.69
CA ARG B 201 6.46 20.89 -11.72
C ARG B 201 7.01 19.53 -11.38
N VAL B 202 7.11 18.66 -12.38
CA VAL B 202 7.67 17.33 -12.17
C VAL B 202 8.78 17.15 -13.18
N THR B 203 10.01 17.01 -12.70
CA THR B 203 11.14 16.81 -13.59
C THR B 203 11.49 15.33 -13.74
N ALA B 204 11.25 14.55 -12.68
CA ALA B 204 11.55 13.12 -12.70
C ALA B 204 10.83 12.46 -13.87
N ASP B 205 11.40 11.36 -14.36
CA ASP B 205 10.78 10.68 -15.49
C ASP B 205 9.62 9.78 -15.09
N LEU B 206 8.44 10.38 -15.00
CA LEU B 206 7.24 9.66 -14.62
C LEU B 206 6.96 8.41 -15.45
N SER B 207 7.43 8.38 -16.70
CA SER B 207 7.17 7.21 -17.54
C SER B 207 7.72 5.92 -16.93
N LEU B 208 8.60 6.06 -15.95
CA LEU B 208 9.20 4.91 -15.29
C LEU B 208 8.24 4.34 -14.25
N ALA B 209 7.22 5.10 -13.89
CA ALA B 209 6.27 4.66 -12.87
C ALA B 209 5.23 3.67 -13.37
N LYS B 210 5.68 2.61 -14.02
CA LYS B 210 4.76 1.62 -14.53
C LYS B 210 4.21 0.75 -13.40
N ARG B 211 2.98 0.27 -13.57
CA ARG B 211 2.32 -0.58 -12.59
C ARG B 211 3.14 -1.82 -12.27
N SER B 212 3.92 -2.29 -13.24
CA SER B 212 4.75 -3.46 -13.05
C SER B 212 5.91 -3.24 -12.10
N VAL B 213 6.64 -2.15 -12.29
CA VAL B 213 7.78 -1.89 -11.42
C VAL B 213 7.36 -1.39 -10.04
N LEU B 214 6.31 -0.58 -9.98
CA LEU B 214 5.89 -0.08 -8.70
C LEU B 214 4.86 -1.01 -8.09
N ASN B 215 5.26 -2.26 -7.96
CA ASN B 215 4.48 -3.34 -7.36
C ASN B 215 4.43 -3.10 -5.86
N ASN B 216 3.91 -4.09 -5.15
CA ASN B 216 3.88 -4.06 -3.70
C ASN B 216 5.30 -4.42 -3.29
N PRO B 217 5.88 -5.45 -3.93
CA PRO B 217 7.25 -5.81 -3.57
C PRO B 217 8.20 -4.75 -4.12
N GLY B 218 7.82 -4.14 -5.23
CA GLY B 218 8.66 -3.14 -5.84
C GLY B 218 8.87 -1.95 -4.93
N LYS B 219 7.78 -1.50 -4.32
CA LYS B 219 7.82 -0.35 -3.43
C LYS B 219 8.62 -0.65 -2.16
N ARG B 220 8.48 -1.86 -1.62
CA ARG B 220 9.22 -2.22 -0.43
C ARG B 220 10.70 -2.14 -0.72
N THR B 221 11.10 -2.73 -1.85
CA THR B 221 12.49 -2.71 -2.22
C THR B 221 12.93 -1.27 -2.37
N ILE B 222 12.08 -0.46 -3.00
CA ILE B 222 12.43 0.94 -3.18
C ILE B 222 12.64 1.62 -1.83
N ILE B 223 11.74 1.38 -0.88
CA ILE B 223 11.86 1.97 0.44
C ILE B 223 13.11 1.52 1.16
N GLU B 224 13.53 0.29 0.90
CA GLU B 224 14.71 -0.27 1.55
C GLU B 224 16.05 0.25 1.05
N ARG B 225 16.31 0.11 -0.24
CA ARG B 225 17.57 0.61 -0.77
C ARG B 225 17.40 2.09 -1.07
N SER B 226 16.48 2.69 -0.33
CA SER B 226 16.18 4.11 -0.44
C SER B 226 17.29 4.92 0.22
N SER B 227 18.18 4.22 0.93
CA SER B 227 19.31 4.85 1.59
C SER B 227 20.19 5.56 0.58
N ALA B 228 20.46 4.89 -0.54
CA ALA B 228 21.26 5.48 -1.60
C ALA B 228 20.33 6.16 -2.61
N ARG B 229 20.81 7.20 -3.27
CA ARG B 229 19.99 7.91 -4.24
C ARG B 229 19.62 7.01 -5.41
N SER B 230 18.56 7.36 -6.12
CA SER B 230 18.08 6.56 -7.23
C SER B 230 16.98 7.28 -8.00
N SER B 231 16.91 7.00 -9.30
CA SER B 231 15.90 7.65 -10.14
C SER B 231 14.53 7.04 -9.93
N ILE B 232 14.48 5.71 -9.87
CA ILE B 232 13.21 5.06 -9.67
C ILE B 232 12.68 5.47 -8.30
N ALA B 233 13.58 5.68 -7.35
CA ALA B 233 13.18 6.10 -6.01
C ALA B 233 12.53 7.47 -6.05
N GLU B 234 13.11 8.37 -6.82
CA GLU B 234 12.59 9.74 -6.97
C GLU B 234 11.24 9.70 -7.65
N VAL B 235 11.09 8.81 -8.62
CA VAL B 235 9.81 8.68 -9.32
C VAL B 235 8.73 8.23 -8.36
N GLN B 236 9.05 7.26 -7.51
CA GLN B 236 8.07 6.76 -6.56
C GLN B 236 7.64 7.92 -5.66
N SER B 237 8.62 8.71 -5.25
CA SER B 237 8.38 9.86 -4.38
C SER B 237 7.42 10.86 -5.03
N GLU B 238 7.59 11.09 -6.32
CA GLU B 238 6.71 12.02 -7.00
C GLU B 238 5.30 11.44 -7.12
N ILE B 239 5.22 10.13 -7.33
CA ILE B 239 3.92 9.48 -7.43
C ILE B 239 3.19 9.64 -6.11
N GLU B 240 3.90 9.43 -5.00
CA GLU B 240 3.30 9.60 -3.68
C GLU B 240 2.87 11.05 -3.52
N ARG B 241 3.71 11.96 -4.02
CA ARG B 241 3.44 13.38 -3.91
C ARG B 241 2.24 13.85 -4.71
N ILE B 242 2.02 13.23 -5.86
CA ILE B 242 0.90 13.61 -6.70
C ILE B 242 -0.40 13.05 -6.13
N PHE B 243 -0.33 11.86 -5.56
CA PHE B 243 -1.52 11.27 -4.96
C PHE B 243 -2.00 12.12 -3.79
N GLU B 244 -1.06 12.58 -2.97
CA GLU B 244 -1.39 13.40 -1.79
C GLU B 244 -1.93 14.78 -2.17
N LEU B 245 -1.65 15.20 -3.40
CA LEU B 245 -2.11 16.49 -3.88
C LEU B 245 -3.55 16.38 -4.35
N ALA B 246 -3.96 15.17 -4.69
CA ALA B 246 -5.31 14.94 -5.16
C ALA B 246 -6.31 14.68 -4.04
N LYS B 247 -5.80 14.43 -2.84
CA LYS B 247 -6.64 14.14 -1.67
C LYS B 247 -7.71 15.19 -1.37
N SER B 248 -7.26 16.44 -1.30
CA SER B 248 -8.13 17.59 -1.02
C SER B 248 -9.19 17.72 -2.11
N LEU B 249 -8.94 17.08 -3.25
CA LEU B 249 -9.83 17.11 -4.41
C LEU B 249 -9.63 18.36 -5.27
N GLN B 250 -8.61 19.15 -4.91
CA GLN B 250 -8.29 20.36 -5.67
C GLN B 250 -7.79 19.93 -7.04
N LEU B 251 -8.07 20.72 -8.07
CA LEU B 251 -7.62 20.40 -9.42
C LEU B 251 -6.10 20.24 -9.41
N VAL B 252 -5.63 19.11 -9.92
CA VAL B 252 -4.19 18.87 -9.96
C VAL B 252 -3.69 18.95 -11.39
N VAL B 253 -2.74 19.84 -11.60
CA VAL B 253 -2.16 20.02 -12.91
C VAL B 253 -0.66 19.84 -12.79
N LEU B 254 -0.12 18.92 -13.56
CA LEU B 254 1.31 18.64 -13.56
C LEU B 254 1.99 19.30 -14.72
N ASP B 255 3.22 19.73 -14.50
CA ASP B 255 4.04 20.31 -15.54
C ASP B 255 5.16 19.29 -15.63
N ALA B 256 4.88 18.19 -16.31
CA ALA B 256 5.82 17.09 -16.46
C ALA B 256 6.79 17.29 -17.61
N ASP B 257 8.05 17.58 -17.27
CA ASP B 257 9.09 17.81 -18.26
C ASP B 257 9.32 16.67 -19.24
N THR B 258 9.35 15.43 -18.74
CA THR B 258 9.62 14.28 -19.60
C THR B 258 8.44 13.67 -20.35
N ILE B 259 7.25 14.20 -20.17
CA ILE B 259 6.10 13.61 -20.86
C ILE B 259 5.68 14.34 -22.11
N ASN B 260 5.86 13.67 -23.24
CA ASN B 260 5.53 14.23 -24.55
C ASN B 260 4.56 13.36 -25.32
N HIS B 261 4.19 12.22 -24.75
CA HIS B 261 3.29 11.31 -25.45
C HIS B 261 2.43 10.53 -24.46
N PRO B 262 1.13 10.38 -24.75
CA PRO B 262 0.16 9.67 -23.91
C PRO B 262 0.58 8.28 -23.46
N ALA B 263 1.29 7.58 -24.33
CA ALA B 263 1.75 6.21 -24.04
C ALA B 263 2.78 6.14 -22.93
N GLN B 264 3.47 7.25 -22.69
CA GLN B 264 4.47 7.30 -21.66
C GLN B 264 3.86 7.26 -20.25
N LEU B 265 2.56 7.50 -20.13
CA LEU B 265 1.91 7.48 -18.82
C LEU B 265 0.84 6.40 -18.68
N ALA B 266 0.44 5.82 -19.80
CA ALA B 266 -0.59 4.79 -19.82
C ALA B 266 -0.39 3.63 -18.87
N LYS B 267 0.84 3.11 -18.78
CA LYS B 267 1.10 1.96 -17.93
C LYS B 267 1.27 2.31 -16.46
N THR B 268 1.26 3.61 -16.17
CA THR B 268 1.41 4.07 -14.79
C THR B 268 0.07 4.11 -14.12
N SER B 269 0.08 4.49 -12.84
CA SER B 269 -1.12 4.55 -12.02
C SER B 269 -1.74 5.93 -12.02
N LEU B 270 -1.08 6.89 -12.65
CA LEU B 270 -1.59 8.25 -12.66
C LEU B 270 -2.96 8.42 -13.32
N ALA B 271 -3.28 7.61 -14.33
CA ALA B 271 -4.55 7.72 -15.05
C ALA B 271 -4.77 9.21 -15.32
N PRO B 272 -3.82 9.84 -16.01
CA PRO B 272 -3.85 11.26 -16.37
C PRO B 272 -4.93 11.72 -17.33
N ILE B 273 -5.21 13.02 -17.24
CA ILE B 273 -6.14 13.71 -18.12
C ILE B 273 -5.17 14.32 -19.13
N ILE B 274 -5.11 13.71 -20.31
CA ILE B 274 -4.20 14.12 -21.37
C ILE B 274 -4.75 15.22 -22.27
N VAL B 275 -4.17 16.41 -22.11
CA VAL B 275 -4.56 17.60 -22.87
C VAL B 275 -3.56 17.79 -24.00
N PHE B 276 -4.00 17.51 -25.23
CA PHE B 276 -3.16 17.62 -26.41
C PHE B 276 -3.21 18.97 -27.11
N VAL B 277 -2.21 19.81 -26.87
CA VAL B 277 -2.14 21.13 -27.50
C VAL B 277 -1.68 20.86 -28.93
N LYS B 278 -2.65 20.77 -29.83
CA LYS B 278 -2.37 20.46 -31.23
C LYS B 278 -2.14 21.56 -32.28
N VAL B 279 -0.91 21.74 -32.75
CA VAL B 279 -0.67 22.69 -33.83
C VAL B 279 -0.91 21.72 -34.99
N SER B 280 -1.77 22.08 -35.94
CA SER B 280 -2.10 21.11 -36.99
C SER B 280 -1.27 20.82 -38.24
N SER B 281 -0.75 21.83 -38.92
CA SER B 281 0.05 21.46 -40.09
C SER B 281 1.53 21.67 -39.81
N PRO B 282 2.36 20.68 -40.20
CA PRO B 282 3.81 20.74 -39.99
C PRO B 282 4.38 22.05 -40.50
N LYS B 283 3.85 22.52 -41.62
CA LYS B 283 4.32 23.77 -42.23
C LYS B 283 4.25 24.89 -41.19
N VAL B 284 3.12 24.96 -40.50
CA VAL B 284 2.93 25.98 -39.48
C VAL B 284 3.92 25.77 -38.34
N LEU B 285 3.96 24.57 -37.81
CA LEU B 285 4.86 24.25 -36.70
C LEU B 285 6.28 24.66 -37.03
N GLN B 286 6.82 24.08 -38.10
CA GLN B 286 8.18 24.36 -38.53
C GLN B 286 8.44 25.86 -38.56
N ARG B 287 7.47 26.60 -39.08
CA ARG B 287 7.55 28.04 -39.17
C ARG B 287 7.70 28.63 -37.77
N LEU B 288 6.77 28.24 -36.91
CA LEU B 288 6.74 28.68 -35.52
C LEU B 288 8.10 28.49 -34.86
N ILE B 289 8.78 27.41 -35.21
CA ILE B 289 10.09 27.13 -34.65
C ILE B 289 11.09 28.15 -35.16
N ARG B 290 11.00 28.49 -36.45
CA ARG B 290 11.91 29.48 -37.02
C ARG B 290 11.73 30.76 -36.23
N SER B 291 10.46 31.08 -35.98
CA SER B 291 10.08 32.26 -35.23
C SER B 291 10.87 32.35 -33.93
N ARG B 292 11.48 31.24 -33.52
CA ARG B 292 12.22 31.22 -32.27
C ARG B 292 13.72 31.46 -32.37
N GLY B 293 14.28 31.35 -33.57
CA GLY B 293 15.70 31.58 -33.72
C GLY B 293 16.41 30.42 -34.41
N LYS B 294 17.70 30.60 -34.69
CA LYS B 294 18.46 29.56 -35.37
C LYS B 294 18.78 28.41 -34.43
N SER B 295 19.00 28.70 -33.15
CA SER B 295 19.30 27.66 -32.17
C SER B 295 18.13 26.69 -32.04
N GLN B 296 16.92 27.24 -31.88
CA GLN B 296 15.73 26.41 -31.76
C GLN B 296 15.54 25.64 -33.06
N MET B 297 15.98 26.26 -34.15
CA MET B 297 15.85 25.65 -35.46
C MET B 297 16.77 24.44 -35.59
N LYS B 298 17.93 24.49 -34.95
CA LYS B 298 18.89 23.39 -34.99
C LYS B 298 18.24 22.12 -34.48
N HIS B 299 17.35 22.28 -33.50
CA HIS B 299 16.67 21.15 -32.92
C HIS B 299 15.35 20.88 -33.64
N LEU B 300 15.30 21.23 -34.93
CA LEU B 300 14.07 21.02 -35.70
C LEU B 300 13.69 19.55 -35.82
N THR B 301 14.65 18.71 -36.15
CA THR B 301 14.40 17.29 -36.31
C THR B 301 13.70 16.66 -35.12
N VAL B 302 14.26 16.84 -33.92
CA VAL B 302 13.65 16.26 -32.73
C VAL B 302 12.28 16.82 -32.43
N GLN B 303 12.03 18.05 -32.82
CA GLN B 303 10.72 18.65 -32.57
C GLN B 303 9.67 18.12 -33.53
N MET B 304 10.09 17.74 -34.74
CA MET B 304 9.13 17.21 -35.71
C MET B 304 8.75 15.79 -35.34
N MET B 305 9.75 14.96 -34.99
CA MET B 305 9.47 13.58 -34.60
C MET B 305 8.46 13.63 -33.46
N ALA B 306 8.61 14.63 -32.61
CA ALA B 306 7.73 14.82 -31.46
C ALA B 306 6.33 15.10 -31.97
N TYR B 307 6.25 15.97 -32.97
CA TYR B 307 4.97 16.30 -33.56
C TYR B 307 4.45 15.06 -34.29
N ASP B 308 5.32 14.44 -35.09
CA ASP B 308 4.93 13.25 -35.83
C ASP B 308 4.22 12.22 -34.95
N LYS B 309 4.86 11.81 -33.86
CA LYS B 309 4.28 10.82 -32.98
C LYS B 309 2.92 11.19 -32.42
N LEU B 310 2.78 12.42 -31.93
CA LEU B 310 1.51 12.87 -31.38
C LEU B 310 0.41 12.91 -32.45
N VAL B 311 0.76 13.36 -33.63
CA VAL B 311 -0.20 13.43 -34.73
C VAL B 311 -0.61 12.05 -35.20
N GLN B 312 0.26 11.07 -35.02
CA GLN B 312 -0.03 9.72 -35.45
C GLN B 312 -0.83 8.90 -34.45
N CYS B 313 -1.17 9.51 -33.32
CA CYS B 313 -1.93 8.82 -32.30
C CYS B 313 -3.42 8.90 -32.58
N PRO B 314 -4.17 7.84 -32.23
CA PRO B 314 -5.62 7.82 -32.44
C PRO B 314 -6.21 8.92 -31.57
N PRO B 315 -7.45 9.35 -31.88
CA PRO B 315 -8.07 10.42 -31.09
C PRO B 315 -8.26 10.02 -29.63
N GLU B 316 -8.65 8.78 -29.40
CA GLU B 316 -8.87 8.27 -28.05
C GLU B 316 -7.71 8.67 -27.14
N SER B 317 -6.50 8.34 -27.55
CA SER B 317 -5.28 8.63 -26.80
C SER B 317 -5.28 9.93 -26.00
N PHE B 318 -6.05 10.91 -26.43
CA PHE B 318 -6.12 12.19 -25.73
C PHE B 318 -7.49 12.41 -25.10
N ASP B 319 -7.53 13.17 -24.02
CA ASP B 319 -8.80 13.44 -23.37
C ASP B 319 -9.37 14.71 -23.96
N VAL B 320 -8.51 15.70 -24.10
CA VAL B 320 -8.86 17.00 -24.66
C VAL B 320 -7.88 17.34 -25.76
N ILE B 321 -8.38 17.75 -26.92
CA ILE B 321 -7.53 18.10 -28.04
C ILE B 321 -7.74 19.58 -28.38
N LEU B 322 -6.80 20.44 -28.01
CA LEU B 322 -6.93 21.85 -28.29
C LEU B 322 -6.54 22.18 -29.75
N ASP B 323 -7.54 22.24 -30.65
CA ASP B 323 -7.31 22.53 -32.08
C ASP B 323 -7.19 24.01 -32.44
N GLU B 324 -7.88 24.86 -31.69
CA GLU B 324 -7.87 26.30 -31.91
C GLU B 324 -6.49 26.89 -32.26
N ASN B 325 -6.49 27.97 -33.04
CA ASN B 325 -5.25 28.62 -33.44
C ASN B 325 -5.03 29.91 -32.65
N GLN B 326 -5.89 30.15 -31.67
CA GLN B 326 -5.77 31.34 -30.82
C GLN B 326 -5.89 30.92 -29.37
N LEU B 327 -5.09 31.56 -28.52
CA LEU B 327 -5.05 31.25 -27.11
C LEU B 327 -6.40 31.18 -26.39
N ASP B 328 -7.06 32.32 -26.26
CA ASP B 328 -8.34 32.38 -25.56
C ASP B 328 -9.36 31.31 -25.96
N ASP B 329 -9.37 30.92 -27.24
CA ASP B 329 -10.30 29.89 -27.69
C ASP B 329 -9.85 28.51 -27.19
N ALA B 330 -8.55 28.39 -26.93
CA ALA B 330 -8.00 27.14 -26.43
C ALA B 330 -8.22 27.11 -24.92
N CYS B 331 -7.97 28.24 -24.27
CA CYS B 331 -8.15 28.34 -22.84
C CYS B 331 -9.55 28.02 -22.38
N GLU B 332 -10.55 28.52 -23.13
CA GLU B 332 -11.93 28.27 -22.78
C GLU B 332 -12.31 26.84 -23.07
N HIS B 333 -11.69 26.26 -24.09
CA HIS B 333 -11.99 24.88 -24.46
C HIS B 333 -11.56 23.97 -23.31
N LEU B 334 -10.42 24.31 -22.71
CA LEU B 334 -9.86 23.57 -21.61
C LEU B 334 -10.66 23.84 -20.35
N ALA B 335 -10.63 25.10 -19.90
CA ALA B 335 -11.32 25.54 -18.70
C ALA B 335 -12.73 24.97 -18.57
N GLU B 336 -13.41 24.84 -19.71
CA GLU B 336 -14.76 24.31 -19.72
C GLU B 336 -14.80 22.80 -19.50
N TYR B 337 -13.81 22.09 -20.02
CA TYR B 337 -13.75 20.64 -19.84
C TYR B 337 -13.49 20.36 -18.37
N LEU B 338 -12.60 21.16 -17.78
CA LEU B 338 -12.23 21.02 -16.39
C LEU B 338 -13.36 21.39 -15.44
N GLU B 339 -14.12 22.42 -15.80
CA GLU B 339 -15.24 22.84 -14.97
C GLU B 339 -16.20 21.65 -14.86
N VAL B 340 -16.31 20.89 -15.93
CA VAL B 340 -17.17 19.71 -15.98
C VAL B 340 -16.59 18.60 -15.10
N TYR B 341 -15.25 18.49 -15.05
CA TYR B 341 -14.59 17.47 -14.23
C TYR B 341 -14.78 17.86 -12.77
N TRP B 342 -14.72 19.16 -12.51
CA TRP B 342 -14.88 19.66 -11.17
C TRP B 342 -16.26 19.34 -10.59
N ARG B 343 -17.30 19.50 -11.39
CA ARG B 343 -18.64 19.23 -10.90
C ARG B 343 -18.94 17.74 -10.95
N ALA B 344 -18.02 16.96 -11.52
CA ALA B 344 -18.20 15.52 -11.59
C ALA B 344 -17.46 14.87 -10.43
N THR B 345 -16.57 15.65 -9.83
CA THR B 345 -15.77 15.19 -8.70
C THR B 345 -16.09 16.02 -7.47
N HIS B 346 -17.21 16.73 -7.49
CA HIS B 346 -17.51 17.57 -6.34
C HIS B 346 -18.94 17.57 -5.81
N HIS B 347 -19.14 16.87 -4.68
CA HIS B 347 -20.43 16.81 -4.00
C HIS B 347 -20.39 15.98 -2.72
N PRO B 348 -20.72 14.78 -2.80
N GLN C 1 13.23 -44.44 41.89
CA GLN C 1 13.70 -43.38 42.82
C GLN C 1 13.41 -42.00 42.22
N LYS C 2 13.59 -40.96 43.03
CA LYS C 2 13.29 -39.60 42.59
C LYS C 2 11.82 -39.60 42.26
N LEU C 3 11.03 -39.76 43.32
CA LEU C 3 9.59 -39.81 43.24
C LEU C 3 8.98 -38.49 42.76
N ARG C 4 9.79 -37.43 42.70
CA ARG C 4 9.28 -36.14 42.21
C ARG C 4 9.23 -36.14 40.68
N GLU C 5 10.16 -36.84 40.06
CA GLU C 5 10.19 -36.92 38.61
C GLU C 5 9.00 -37.74 38.17
N LYS C 6 8.72 -38.80 38.92
CA LYS C 6 7.59 -39.65 38.61
C LYS C 6 6.31 -38.83 38.69
N GLN C 7 6.20 -38.04 39.75
CA GLN C 7 5.04 -37.19 39.95
C GLN C 7 4.94 -36.21 38.79
N GLN C 8 6.06 -35.58 38.45
CA GLN C 8 6.09 -34.63 37.37
C GLN C 8 5.64 -35.22 36.05
N LEU C 9 6.11 -36.43 35.77
CA LEU C 9 5.75 -37.10 34.55
C LEU C 9 4.24 -37.36 34.53
N GLU C 10 3.69 -37.77 35.67
CA GLU C 10 2.26 -38.02 35.73
C GLU C 10 1.46 -36.76 35.51
N GLU C 11 1.95 -35.65 36.05
CA GLU C 11 1.26 -34.37 35.89
C GLU C 11 1.31 -33.83 34.48
N ASP C 12 2.48 -33.90 33.86
CA ASP C 12 2.63 -33.37 32.50
C ASP C 12 1.85 -34.21 31.50
N LEU C 13 1.97 -35.53 31.62
CA LEU C 13 1.30 -36.46 30.74
C LEU C 13 -0.21 -36.27 30.73
N LYS C 14 -0.77 -36.19 31.93
CA LYS C 14 -2.20 -36.03 32.08
C LYS C 14 -2.64 -34.73 31.42
N GLY C 15 -1.92 -33.64 31.70
CA GLY C 15 -2.25 -32.35 31.12
C GLY C 15 -2.12 -32.32 29.61
N TYR C 16 -0.98 -32.78 29.10
CA TYR C 16 -0.78 -32.79 27.67
C TYR C 16 -1.73 -33.71 26.95
N LEU C 17 -2.13 -34.81 27.58
CA LEU C 17 -3.06 -35.71 26.91
C LEU C 17 -4.41 -35.04 26.78
N ASP C 18 -4.83 -34.33 27.82
CA ASP C 18 -6.11 -33.64 27.79
C ASP C 18 -6.05 -32.55 26.73
N TRP C 19 -4.87 -31.93 26.61
CA TRP C 19 -4.66 -30.88 25.64
C TRP C 19 -4.95 -31.50 24.27
N ILE C 20 -4.40 -32.67 24.01
CA ILE C 20 -4.59 -33.36 22.73
C ILE C 20 -6.02 -33.82 22.45
N THR C 21 -6.67 -34.33 23.48
CA THR C 21 -8.02 -34.82 23.36
C THR C 21 -8.98 -33.64 23.11
N GLN C 22 -8.63 -32.48 23.64
CA GLN C 22 -9.48 -31.31 23.43
C GLN C 22 -9.48 -30.91 21.95
N ALA C 23 -8.39 -31.18 21.27
CA ALA C 23 -8.28 -30.86 19.86
C ALA C 23 -9.02 -31.88 18.99
N GLU C 24 -9.25 -33.06 19.58
CA GLU C 24 -9.92 -34.14 18.91
C GLU C 24 -11.42 -33.86 18.92
N ASP C 25 -11.77 -32.59 19.07
CA ASP C 25 -13.17 -32.17 19.09
C ASP C 25 -13.48 -31.07 18.08
N LEU D 9 -2.48 30.53 -43.99
CA LEU D 9 -1.38 29.87 -43.24
C LEU D 9 -0.75 30.82 -42.23
N GLU D 10 -0.46 32.05 -42.67
CA GLU D 10 0.13 33.05 -41.79
C GLU D 10 -0.92 33.46 -40.78
N GLU D 11 -2.15 33.08 -41.07
CA GLU D 11 -3.28 33.31 -40.20
C GLU D 11 -2.93 32.43 -39.01
N ASP D 12 -2.87 31.12 -39.28
CA ASP D 12 -2.51 30.16 -38.26
C ASP D 12 -1.33 30.71 -37.50
N LEU D 13 -0.33 31.19 -38.24
CA LEU D 13 0.87 31.76 -37.66
C LEU D 13 0.62 32.82 -36.58
N LYS D 14 0.10 33.97 -36.97
CA LYS D 14 -0.12 35.05 -36.00
C LYS D 14 -1.04 34.67 -34.86
N GLY D 15 -2.00 33.78 -35.12
CA GLY D 15 -2.88 33.34 -34.05
C GLY D 15 -1.97 32.59 -33.09
N TYR D 16 -1.25 31.62 -33.65
CA TYR D 16 -0.31 30.83 -32.84
C TYR D 16 0.81 31.73 -32.34
N LEU D 17 0.84 32.97 -32.80
CA LEU D 17 1.90 33.87 -32.37
C LEU D 17 1.65 34.70 -31.14
N ASP D 18 0.57 35.49 -31.10
CA ASP D 18 0.36 36.27 -29.90
C ASP D 18 0.01 35.30 -28.78
N TRP D 19 -0.24 34.05 -29.18
CA TRP D 19 -0.49 32.98 -28.23
C TRP D 19 0.84 32.88 -27.53
N ILE D 20 1.89 32.71 -28.35
CA ILE D 20 3.26 32.62 -27.87
C ILE D 20 3.68 33.97 -27.29
N THR D 21 3.13 35.03 -27.88
CA THR D 21 3.43 36.39 -27.45
C THR D 21 2.84 36.65 -26.07
N GLN D 22 1.62 36.18 -25.83
CA GLN D 22 0.99 36.38 -24.54
C GLN D 22 1.80 35.73 -23.44
N ALA D 23 2.50 34.63 -23.77
CA ALA D 23 3.34 33.95 -22.79
C ALA D 23 4.38 34.94 -22.31
N GLU D 24 4.55 36.02 -23.08
CA GLU D 24 5.49 37.09 -22.75
C GLU D 24 6.85 36.57 -22.29
N ASP D 25 7.65 36.18 -23.17
#